data_6O5L
#
_entry.id   6O5L
#
_cell.length_a   79.468
_cell.length_b   79.468
_cell.length_c   262.804
_cell.angle_alpha   90.00
_cell.angle_beta   90.00
_cell.angle_gamma   120.00
#
_symmetry.space_group_name_H-M   'P 64 2 2'
#
_entity_poly.entity_id   1
_entity_poly.type   'polypeptide(L)'
_entity_poly.pdbx_seq_one_letter_code
;(MSE)RSGSHHHHHHRSDITSLYKKAGLENLYFQGREDALRGFDAL(MSE)ATAGVESTIVKHAASGADSQTLNDELTRS
LQLAHDRWGLGLLHLRHEARLDRGEDTDVILLVDGREVARLSQGAAAISATYET(MSE)RAQNADDLSDWGVLPEGHRVT
LKAGNNQ(MSE)RVLVEDARDFETHWSSERGGAFVRTWRQGETLAVEVHRPASPGTALAKAAWKAI(MSE)SIKDRNFQR
EL(MSE)ERSNSVG(MSE)LGALLGARHKDAGRALERLPEAHFAVRSTVVR(MSE)TGGAQREFDQWRS(MSE)VREGLD
QLDELQKTTTRHLTEILRHGLK
;
_entity_poly.pdbx_strand_id   A
#
# COMPACT_ATOMS: atom_id res chain seq x y z
N GLU A 33 -22.92 -7.47 9.28
CA GLU A 33 -22.20 -7.19 10.50
C GLU A 33 -20.71 -7.03 10.24
N ASP A 34 -20.14 -8.03 9.56
CA ASP A 34 -18.70 -8.24 9.50
C ASP A 34 -17.96 -7.33 8.51
N ALA A 35 -18.67 -6.48 7.76
CA ALA A 35 -18.00 -5.67 6.74
C ALA A 35 -17.03 -4.67 7.36
N LEU A 36 -17.43 -4.07 8.49
CA LEU A 36 -16.60 -3.06 9.13
C LEU A 36 -15.20 -3.61 9.41
N ARG A 37 -15.14 -4.77 10.07
CA ARG A 37 -13.84 -5.35 10.43
C ARG A 37 -13.04 -5.75 9.20
N GLY A 38 -13.71 -6.30 8.18
CA GLY A 38 -13.02 -6.56 6.94
C GLY A 38 -12.26 -5.33 6.44
N PHE A 39 -13.00 -4.24 6.22
CA PHE A 39 -12.38 -3.00 5.74
C PHE A 39 -11.24 -2.55 6.64
N ASP A 40 -11.47 -2.60 7.96
CA ASP A 40 -10.42 -2.18 8.89
C ASP A 40 -9.16 -3.02 8.72
N ALA A 41 -9.31 -4.34 8.55
CA ALA A 41 -8.16 -5.22 8.33
C ALA A 41 -7.44 -4.86 7.04
N LEU A 42 -8.23 -4.64 6.00
CA LEU A 42 -7.73 -4.17 4.71
C LEU A 42 -6.85 -2.94 4.89
N MSE A 43 -7.40 -1.92 5.51
CA MSE A 43 -6.68 -0.69 5.76
C MSE A 43 -5.45 -0.97 6.60
O MSE A 43 -4.40 -0.41 6.35
CB MSE A 43 -7.58 0.32 6.43
CG MSE A 43 -8.70 0.78 5.54
SE MSE A 43 -8.05 1.66 3.91
CE MSE A 43 -8.16 0.15 2.68
N ALA A 44 -5.59 -1.87 7.58
CA ALA A 44 -4.51 -2.18 8.50
C ALA A 44 -3.28 -2.74 7.78
N THR A 45 -3.49 -3.35 6.60
CA THR A 45 -2.35 -3.71 5.76
C THR A 45 -1.39 -2.53 5.53
N ALA A 46 -1.90 -1.30 5.64
CA ALA A 46 -1.08 -0.10 5.56
C ALA A 46 -1.33 0.74 6.82
N GLY A 47 -0.41 1.65 7.10
CA GLY A 47 -0.62 2.49 8.26
C GLY A 47 -1.88 3.33 8.17
N VAL A 48 -3.06 2.70 8.20
CA VAL A 48 -4.33 3.42 8.06
C VAL A 48 -5.12 3.26 9.34
N GLU A 49 -5.14 4.31 10.15
CA GLU A 49 -5.82 4.30 11.44
C GLU A 49 -7.33 4.50 11.21
N SER A 50 -7.96 3.48 10.66
CA SER A 50 -9.40 3.50 10.48
C SER A 50 -10.12 3.47 11.83
N THR A 51 -11.16 4.31 11.95
CA THR A 51 -11.99 4.38 13.14
C THR A 51 -13.46 4.07 12.81
N ILE A 52 -13.70 3.35 11.72
CA ILE A 52 -15.05 3.21 11.18
C ILE A 52 -16.00 2.60 12.20
N VAL A 53 -15.48 1.80 13.13
CA VAL A 53 -16.36 1.18 14.12
C VAL A 53 -16.82 2.21 15.14
N LYS A 54 -16.04 3.27 15.35
CA LYS A 54 -16.41 4.34 16.27
C LYS A 54 -17.40 5.33 15.68
N HIS A 55 -17.73 5.21 14.40
CA HIS A 55 -18.70 6.11 13.80
C HIS A 55 -19.90 5.37 13.24
N ALA A 56 -19.71 4.12 12.78
CA ALA A 56 -20.84 3.31 12.33
C ALA A 56 -21.81 3.03 13.46
N ALA A 57 -21.29 2.86 14.68
CA ALA A 57 -22.14 2.70 15.85
C ALA A 57 -22.55 4.03 16.48
N SER A 58 -22.06 5.16 15.95
CA SER A 58 -22.42 6.48 16.46
C SER A 58 -23.53 7.14 15.64
N GLY A 59 -24.03 6.48 14.60
CA GLY A 59 -25.05 7.09 13.76
C GLY A 59 -24.54 8.19 12.87
N ALA A 60 -23.26 8.15 12.50
CA ALA A 60 -22.67 9.19 11.68
C ALA A 60 -23.36 9.24 10.32
N ASP A 61 -23.36 10.43 9.73
CA ASP A 61 -24.03 10.63 8.46
C ASP A 61 -23.40 9.72 7.41
N SER A 62 -24.24 9.11 6.57
CA SER A 62 -23.76 8.14 5.60
C SER A 62 -22.78 8.76 4.61
N GLN A 63 -23.03 10.00 4.21
CA GLN A 63 -22.14 10.65 3.26
C GLN A 63 -20.78 10.93 3.90
N THR A 64 -20.75 11.28 5.18
CA THR A 64 -19.47 11.54 5.85
C THR A 64 -18.72 10.24 6.06
N LEU A 65 -19.43 9.16 6.37
CA LEU A 65 -18.80 7.84 6.47
C LEU A 65 -18.17 7.45 5.14
N ASN A 66 -18.93 7.60 4.05
CA ASN A 66 -18.41 7.28 2.72
C ASN A 66 -17.21 8.13 2.38
N ASP A 67 -17.28 9.43 2.66
CA ASP A 67 -16.17 10.34 2.40
C ASP A 67 -14.92 9.86 3.11
N GLU A 68 -15.04 9.55 4.40
CA GLU A 68 -13.90 9.06 5.17
C GLU A 68 -13.36 7.75 4.62
N LEU A 69 -14.26 6.83 4.29
CA LEU A 69 -13.84 5.60 3.64
C LEU A 69 -12.98 5.89 2.43
N THR A 70 -13.46 6.80 1.57
CA THR A 70 -12.80 7.08 0.31
C THR A 70 -11.41 7.64 0.54
N ARG A 71 -11.30 8.61 1.45
CA ARG A 71 -9.98 9.18 1.73
C ARG A 71 -9.04 8.11 2.28
N SER A 72 -9.56 7.23 3.12
CA SER A 72 -8.75 6.14 3.64
C SER A 72 -8.29 5.23 2.51
N LEU A 73 -9.21 4.84 1.64
CA LEU A 73 -8.87 3.94 0.55
C LEU A 73 -7.80 4.54 -0.34
N GLN A 74 -7.96 5.80 -0.72
CA GLN A 74 -6.97 6.46 -1.56
C GLN A 74 -5.60 6.45 -0.91
N LEU A 75 -5.53 6.80 0.38
CA LEU A 75 -4.24 6.70 1.06
C LEU A 75 -3.69 5.28 1.01
N ALA A 76 -4.56 4.31 1.30
CA ALA A 76 -4.15 2.91 1.22
C ALA A 76 -3.47 2.63 -0.10
N HIS A 77 -4.05 3.13 -1.18
CA HIS A 77 -3.52 2.86 -2.51
C HIS A 77 -2.18 3.54 -2.73
N ASP A 78 -2.04 4.76 -2.21
CA ASP A 78 -0.73 5.38 -2.27
C ASP A 78 0.31 4.49 -1.63
N ARG A 79 -0.05 3.84 -0.51
CA ARG A 79 0.89 2.96 0.16
C ARG A 79 1.16 1.69 -0.64
N TRP A 80 0.11 1.09 -1.19
CA TRP A 80 0.32 -0.21 -1.82
C TRP A 80 1.17 -0.09 -3.08
N GLY A 81 1.04 1.00 -3.83
CA GLY A 81 1.90 1.19 -4.97
C GLY A 81 1.55 0.37 -6.19
N LEU A 82 0.29 0.28 -6.50
CA LEU A 82 -0.07 -0.45 -7.69
C LEU A 82 0.12 0.35 -8.96
N GLY A 83 0.60 1.58 -8.93
CA GLY A 83 0.66 2.34 -10.16
C GLY A 83 -0.69 2.60 -10.77
N LEU A 84 -1.73 2.58 -9.95
CA LEU A 84 -3.08 2.91 -10.39
C LEU A 84 -3.48 4.29 -9.92
N LEU A 85 -2.49 5.14 -9.64
CA LEU A 85 -2.77 6.49 -9.20
C LEU A 85 -3.55 7.29 -10.23
N HIS A 86 -3.60 6.84 -11.47
CA HIS A 86 -4.43 7.53 -12.43
C HIS A 86 -5.92 7.26 -12.28
N LEU A 87 -6.37 6.54 -11.26
CA LEU A 87 -7.80 6.28 -11.17
C LEU A 87 -8.45 6.99 -9.98
N ARG A 88 -9.78 7.07 -10.01
CA ARG A 88 -10.55 7.56 -8.87
C ARG A 88 -11.03 6.36 -8.09
N HIS A 89 -10.49 6.17 -6.90
CA HIS A 89 -10.92 5.10 -6.03
C HIS A 89 -11.87 5.69 -5.02
N GLU A 90 -13.05 5.11 -4.92
CA GLU A 90 -14.07 5.57 -4.02
C GLU A 90 -14.59 4.35 -3.28
N ALA A 91 -15.11 4.58 -2.08
CA ALA A 91 -15.63 3.49 -1.27
C ALA A 91 -17.00 3.91 -0.74
N ARG A 92 -17.96 3.00 -0.82
CA ARG A 92 -19.32 3.30 -0.42
C ARG A 92 -19.82 2.24 0.54
N LEU A 93 -20.88 2.55 1.26
CA LEU A 93 -21.61 1.57 2.04
C LEU A 93 -22.82 1.10 1.26
N ASP A 94 -23.31 -0.09 1.59
CA ASP A 94 -24.51 -0.57 0.95
C ASP A 94 -25.75 -0.11 1.72
N ARG A 95 -26.87 -0.05 0.99
CA ARG A 95 -28.15 0.29 1.59
C ARG A 95 -28.90 -0.93 2.13
N GLY A 96 -28.75 -2.09 1.47
CA GLY A 96 -29.38 -3.30 1.92
C GLY A 96 -28.56 -4.01 2.99
N GLU A 97 -28.95 -5.25 3.26
CA GLU A 97 -28.28 -6.10 4.23
C GLU A 97 -27.94 -7.42 3.57
N ASP A 98 -26.83 -8.04 3.99
CA ASP A 98 -26.00 -7.57 5.08
C ASP A 98 -25.03 -6.52 4.56
N THR A 99 -25.14 -5.32 5.14
CA THR A 99 -24.49 -4.14 4.59
C THR A 99 -23.01 -4.38 4.39
N ASP A 100 -22.57 -4.23 3.15
CA ASP A 100 -21.19 -4.42 2.73
C ASP A 100 -20.62 -3.10 2.25
N VAL A 101 -19.31 -3.10 1.99
CA VAL A 101 -18.59 -1.93 1.50
C VAL A 101 -18.19 -2.16 0.06
N ILE A 102 -18.56 -1.22 -0.79
CA ILE A 102 -18.31 -1.28 -2.23
C ILE A 102 -17.04 -0.51 -2.53
N LEU A 103 -16.14 -1.13 -3.30
CA LEU A 103 -14.98 -0.45 -3.88
C LEU A 103 -15.30 -0.09 -5.31
N LEU A 104 -15.17 1.19 -5.63
CA LEU A 104 -15.48 1.72 -6.94
C LEU A 104 -14.24 2.38 -7.52
N VAL A 105 -14.17 2.33 -8.84
CA VAL A 105 -13.15 3.00 -9.63
C VAL A 105 -13.87 3.86 -10.65
N ASP A 106 -13.64 5.17 -10.57
CA ASP A 106 -14.23 6.11 -11.51
C ASP A 106 -15.74 5.96 -11.51
N GLY A 107 -16.31 5.79 -10.31
CA GLY A 107 -17.73 5.72 -10.11
C GLY A 107 -18.39 4.44 -10.58
N ARG A 108 -17.62 3.47 -11.04
CA ARG A 108 -18.18 2.18 -11.41
C ARG A 108 -17.89 1.19 -10.28
N GLU A 109 -18.87 0.36 -9.97
CA GLU A 109 -18.64 -0.70 -9.01
C GLU A 109 -17.56 -1.66 -9.52
N VAL A 110 -16.57 -1.90 -8.68
CA VAL A 110 -15.44 -2.80 -9.04
C VAL A 110 -15.46 -4.04 -8.17
N ALA A 111 -15.40 -3.89 -6.86
CA ALA A 111 -15.36 -5.03 -5.97
C ALA A 111 -16.20 -4.72 -4.74
N ARG A 112 -16.43 -5.75 -3.94
CA ARG A 112 -17.02 -5.59 -2.62
C ARG A 112 -16.14 -6.36 -1.63
N LEU A 113 -16.14 -5.93 -0.37
CA LEU A 113 -15.26 -6.55 0.62
C LEU A 113 -15.63 -7.99 0.91
N SER A 114 -16.93 -8.32 0.88
CA SER A 114 -17.40 -9.67 1.13
C SER A 114 -16.78 -10.71 0.20
N GLN A 115 -16.12 -10.27 -0.86
CA GLN A 115 -15.44 -11.18 -1.78
C GLN A 115 -14.12 -11.72 -1.23
N GLY A 116 -13.74 -11.36 -0.03
CA GLY A 116 -12.44 -11.82 0.40
C GLY A 116 -11.32 -11.01 -0.22
N ALA A 117 -10.17 -11.03 0.45
CA ALA A 117 -9.08 -10.15 0.03
C ALA A 117 -8.42 -10.62 -1.25
N ALA A 118 -8.27 -11.94 -1.42
CA ALA A 118 -7.56 -12.48 -2.59
C ALA A 118 -8.25 -12.08 -3.89
N ALA A 119 -9.58 -12.15 -3.94
CA ALA A 119 -10.30 -11.73 -5.12
C ALA A 119 -10.05 -10.27 -5.42
N ILE A 120 -10.13 -9.43 -4.40
CA ILE A 120 -9.84 -8.01 -4.58
C ILE A 120 -8.44 -7.83 -5.15
N SER A 121 -7.50 -8.62 -4.64
CA SER A 121 -6.13 -8.56 -5.14
C SER A 121 -6.08 -8.88 -6.63
N ALA A 122 -6.63 -10.02 -7.03
CA ALA A 122 -6.60 -10.38 -8.45
C ALA A 122 -7.29 -9.33 -9.30
N THR A 123 -8.42 -8.80 -8.83
CA THR A 123 -9.10 -7.72 -9.52
C THR A 123 -8.15 -6.58 -9.79
N TYR A 124 -7.48 -6.12 -8.75
CA TYR A 124 -6.52 -5.02 -8.92
C TYR A 124 -5.36 -5.44 -9.81
N GLU A 125 -5.01 -6.73 -9.80
CA GLU A 125 -3.88 -7.14 -10.61
C GLU A 125 -4.19 -6.99 -12.09
N THR A 126 -5.43 -7.31 -12.47
CA THR A 126 -5.79 -7.17 -13.88
C THR A 126 -5.65 -5.72 -14.34
N MSE A 127 -5.64 -4.78 -13.40
CA MSE A 127 -5.56 -3.37 -13.71
C MSE A 127 -4.16 -2.84 -13.85
O MSE A 127 -3.88 -1.91 -14.59
CB MSE A 127 -6.29 -2.57 -12.66
CG MSE A 127 -7.79 -2.75 -12.77
SE MSE A 127 -8.75 -1.56 -11.63
CE MSE A 127 -8.82 -2.80 -10.12
N ARG A 128 -3.26 -3.46 -13.12
CA ARG A 128 -1.91 -2.96 -13.08
C ARG A 128 -1.15 -3.47 -14.30
N ALA A 129 -0.16 -2.71 -14.72
CA ALA A 129 0.70 -3.12 -15.82
C ALA A 129 2.12 -2.69 -15.52
N GLN A 130 3.08 -3.47 -16.02
CA GLN A 130 4.49 -3.26 -15.73
C GLN A 130 5.27 -3.11 -17.03
N ASN A 131 6.32 -2.30 -16.99
CA ASN A 131 7.09 -2.02 -18.20
C ASN A 131 8.16 -3.09 -18.45
N ALA A 132 9.21 -2.74 -19.20
CA ALA A 132 10.32 -3.64 -19.42
C ALA A 132 10.97 -4.06 -18.11
N ASP A 133 10.91 -3.22 -17.09
CA ASP A 133 11.35 -3.58 -15.76
C ASP A 133 10.15 -3.90 -14.89
N ASP A 134 10.44 -4.32 -13.66
CA ASP A 134 9.38 -4.67 -12.72
C ASP A 134 8.81 -3.42 -12.07
N LEU A 135 8.29 -2.52 -12.92
CA LEU A 135 7.83 -1.21 -12.49
C LEU A 135 6.54 -0.87 -13.20
N SER A 136 5.76 0.04 -12.61
CA SER A 136 4.49 0.36 -13.23
C SER A 136 4.71 1.15 -14.49
N ASP A 137 3.98 0.81 -15.54
CA ASP A 137 4.14 1.43 -16.83
C ASP A 137 3.17 2.58 -17.06
N TRP A 138 2.45 3.01 -16.02
CA TRP A 138 1.23 3.76 -16.27
C TRP A 138 1.47 5.27 -16.29
N GLY A 139 2.05 5.82 -15.26
CA GLY A 139 2.11 7.25 -15.14
C GLY A 139 0.78 7.82 -14.70
N VAL A 140 0.85 8.98 -14.07
CA VAL A 140 -0.22 9.51 -13.26
C VAL A 140 -1.11 10.40 -14.12
N LEU A 141 -0.49 11.36 -14.78
CA LEU A 141 -1.17 12.39 -15.52
C LEU A 141 -1.63 11.79 -16.84
N PRO A 142 -2.70 12.33 -17.45
CA PRO A 142 -3.17 11.81 -18.74
C PRO A 142 -2.02 11.62 -19.71
N GLU A 143 -2.16 10.63 -20.60
CA GLU A 143 -0.98 10.12 -21.28
C GLU A 143 -0.36 11.21 -22.15
N GLY A 144 0.94 11.16 -22.29
CA GLY A 144 1.53 12.06 -23.24
C GLY A 144 2.80 12.68 -22.74
N HIS A 145 3.91 12.17 -23.24
CA HIS A 145 5.23 12.69 -22.92
C HIS A 145 5.42 12.85 -21.43
N ARG A 146 5.62 11.68 -20.80
CA ARG A 146 6.27 11.64 -19.50
C ARG A 146 7.74 11.96 -19.68
N VAL A 147 8.31 12.65 -18.71
CA VAL A 147 9.62 13.25 -18.93
C VAL A 147 10.69 12.17 -18.92
N THR A 148 11.40 12.05 -20.04
CA THR A 148 12.54 11.14 -20.14
C THR A 148 13.72 11.83 -19.46
N LEU A 149 13.78 11.68 -18.14
CA LEU A 149 14.75 12.46 -17.36
C LEU A 149 16.15 12.25 -17.89
N LYS A 150 16.46 11.01 -18.27
CA LYS A 150 17.80 10.62 -18.70
C LYS A 150 18.81 10.99 -17.63
N ALA A 151 19.69 11.94 -17.91
CA ALA A 151 20.69 12.35 -16.94
C ALA A 151 20.51 13.84 -16.67
N GLY A 152 21.46 14.40 -15.95
CA GLY A 152 21.44 15.83 -15.70
C GLY A 152 20.88 16.16 -14.34
N ASN A 153 21.22 17.36 -13.86
CA ASN A 153 20.91 17.80 -12.51
C ASN A 153 19.98 19.00 -12.49
N ASN A 154 20.33 20.09 -13.16
CA ASN A 154 19.39 21.18 -13.34
C ASN A 154 18.25 20.82 -14.27
N GLN A 155 18.24 19.57 -14.76
CA GLN A 155 17.10 19.00 -15.46
C GLN A 155 15.76 19.37 -14.84
N MSE A 156 15.61 19.14 -13.55
CA MSE A 156 14.29 19.32 -12.94
C MSE A 156 14.12 20.65 -12.25
O MSE A 156 13.00 21.11 -12.09
CB MSE A 156 14.02 18.21 -11.92
CG MSE A 156 12.57 18.12 -11.53
SE MSE A 156 12.18 16.54 -10.50
CE MSE A 156 13.11 15.29 -11.66
N ARG A 157 15.22 21.30 -11.85
CA ARG A 157 15.09 22.59 -11.21
C ARG A 157 14.23 23.53 -12.05
N VAL A 158 14.38 23.47 -13.37
CA VAL A 158 13.51 24.21 -14.28
C VAL A 158 12.06 23.82 -14.05
N LEU A 159 11.78 22.54 -13.83
CA LEU A 159 10.40 22.08 -13.81
C LEU A 159 9.70 22.49 -12.52
N VAL A 160 10.40 22.37 -11.39
CA VAL A 160 9.81 22.82 -10.14
C VAL A 160 9.60 24.31 -10.18
N GLU A 161 10.58 25.05 -10.67
CA GLU A 161 10.43 26.50 -10.64
C GLU A 161 9.49 26.99 -11.73
N ASP A 162 9.60 26.49 -12.97
CA ASP A 162 8.92 27.14 -14.08
C ASP A 162 8.19 26.14 -14.97
N ALA A 163 7.09 25.57 -14.48
CA ALA A 163 6.41 24.58 -15.31
C ALA A 163 5.01 24.36 -14.78
N ARG A 164 4.10 24.11 -15.71
CA ARG A 164 2.71 23.97 -15.31
C ARG A 164 2.58 22.53 -14.85
N ASP A 165 2.34 21.60 -15.77
CA ASP A 165 2.20 20.20 -15.44
C ASP A 165 3.33 19.44 -16.09
N PHE A 166 3.60 18.25 -15.55
CA PHE A 166 4.60 17.32 -16.07
C PHE A 166 4.64 16.12 -15.15
N GLU A 167 5.20 15.03 -15.65
CA GLU A 167 5.56 13.95 -14.77
C GLU A 167 6.77 13.24 -15.35
N THR A 168 7.70 12.91 -14.46
CA THR A 168 8.96 12.28 -14.81
C THR A 168 8.78 10.78 -15.02
N HIS A 169 9.68 10.19 -15.79
CA HIS A 169 9.79 8.74 -15.70
C HIS A 169 10.35 8.38 -14.33
N TRP A 170 10.41 7.08 -14.06
CA TRP A 170 10.99 6.64 -12.81
C TRP A 170 12.46 7.02 -12.72
N SER A 171 12.88 7.42 -11.55
CA SER A 171 14.27 7.70 -11.30
C SER A 171 14.84 6.49 -10.56
N SER A 172 15.93 5.95 -11.10
CA SER A 172 16.66 4.83 -10.51
C SER A 172 17.54 5.35 -9.37
N GLU A 173 16.87 5.77 -8.30
CA GLU A 173 17.57 6.23 -7.11
C GLU A 173 18.45 5.13 -6.55
N ARG A 174 19.73 5.46 -6.34
CA ARG A 174 20.73 4.47 -5.96
C ARG A 174 20.40 3.79 -4.64
N GLY A 175 19.76 4.52 -3.72
CA GLY A 175 19.49 4.00 -2.38
C GLY A 175 18.45 2.90 -2.30
N GLY A 176 18.53 1.94 -3.21
CA GLY A 176 17.59 0.82 -3.22
C GLY A 176 16.14 1.22 -3.34
N ALA A 177 15.85 2.30 -4.08
CA ALA A 177 14.48 2.75 -4.23
C ALA A 177 14.31 3.40 -5.59
N PHE A 178 13.07 3.36 -6.08
CA PHE A 178 12.71 4.06 -7.31
C PHE A 178 11.72 5.17 -7.03
N VAL A 179 11.91 6.32 -7.68
CA VAL A 179 11.09 7.50 -7.42
C VAL A 179 10.73 8.24 -8.69
N ARG A 180 9.55 8.84 -8.65
CA ARG A 180 9.13 9.73 -9.72
C ARG A 180 8.26 10.83 -9.13
N THR A 181 8.07 11.88 -9.92
CA THR A 181 7.37 13.05 -9.44
C THR A 181 6.63 13.75 -10.56
N TRP A 182 5.57 14.46 -10.17
CA TRP A 182 4.70 15.12 -11.12
C TRP A 182 4.02 16.29 -10.43
N ARG A 183 3.43 17.16 -11.23
CA ARG A 183 2.58 18.15 -10.60
C ARG A 183 1.34 18.33 -11.44
N GLN A 184 0.24 18.55 -10.73
CA GLN A 184 -1.06 18.78 -11.35
C GLN A 184 -1.59 20.09 -10.77
N GLY A 185 -1.61 21.13 -11.60
CA GLY A 185 -2.06 22.42 -11.12
C GLY A 185 -1.14 22.96 -10.05
N GLU A 186 -1.74 23.38 -8.94
CA GLU A 186 -0.98 23.89 -7.81
C GLU A 186 -0.53 22.78 -6.86
N THR A 187 -0.65 21.52 -7.27
CA THR A 187 -0.26 20.41 -6.43
C THR A 187 1.00 19.76 -6.97
N LEU A 188 1.97 19.57 -6.10
CA LEU A 188 3.22 18.92 -6.46
C LEU A 188 3.31 17.65 -5.65
N ALA A 189 3.70 16.56 -6.29
CA ALA A 189 3.69 15.27 -5.62
C ALA A 189 4.89 14.44 -6.07
N VAL A 190 5.38 13.63 -5.14
CA VAL A 190 6.46 12.67 -5.34
C VAL A 190 6.03 11.32 -4.78
N GLU A 191 6.35 10.26 -5.50
CA GLU A 191 6.18 8.94 -4.94
C GLU A 191 7.51 8.23 -4.97
N VAL A 192 7.67 7.36 -3.97
CA VAL A 192 8.82 6.47 -3.84
C VAL A 192 8.30 5.08 -3.55
N HIS A 193 8.88 4.08 -4.19
CA HIS A 193 8.54 2.73 -3.81
C HIS A 193 9.75 1.84 -4.01
N ARG A 194 9.80 0.80 -3.20
CA ARG A 194 10.71 -0.29 -3.39
C ARG A 194 9.92 -1.45 -3.99
N PRO A 195 10.47 -2.13 -5.00
CA PRO A 195 9.86 -3.38 -5.46
C PRO A 195 9.78 -4.43 -4.35
N ALA A 196 8.54 -4.77 -3.98
CA ALA A 196 8.28 -5.67 -2.87
C ALA A 196 7.25 -6.71 -3.31
N SER A 197 6.84 -7.52 -2.34
CA SER A 197 5.86 -8.60 -2.52
C SER A 197 5.41 -9.03 -1.11
N PRO A 198 4.12 -9.30 -0.95
CA PRO A 198 3.67 -9.85 0.36
C PRO A 198 4.52 -11.00 0.85
N GLY A 199 5.09 -11.78 -0.07
CA GLY A 199 5.94 -12.88 0.32
C GLY A 199 7.21 -12.44 1.01
N THR A 200 7.82 -11.36 0.54
CA THR A 200 8.96 -10.82 1.27
C THR A 200 8.53 -10.28 2.63
N ALA A 201 7.37 -9.62 2.68
CA ALA A 201 6.81 -9.14 3.94
C ALA A 201 6.64 -10.28 4.92
N LEU A 202 6.19 -11.42 4.41
CA LEU A 202 5.91 -12.55 5.27
C LEU A 202 7.19 -13.27 5.69
N ALA A 203 8.16 -13.39 4.78
CA ALA A 203 9.45 -13.94 5.16
C ALA A 203 10.06 -13.16 6.31
N LYS A 204 10.13 -11.83 6.19
CA LYS A 204 10.65 -11.01 7.28
C LYS A 204 9.86 -11.22 8.56
N ALA A 205 8.54 -11.04 8.51
CA ALA A 205 7.75 -11.11 9.73
C ALA A 205 7.78 -12.50 10.35
N ALA A 206 7.84 -13.55 9.53
CA ALA A 206 7.88 -14.92 10.01
C ALA A 206 9.21 -15.25 10.66
N TRP A 207 10.32 -14.92 10.02
CA TRP A 207 11.61 -15.09 10.68
C TRP A 207 11.63 -14.31 12.00
N LYS A 208 11.13 -13.07 11.98
CA LYS A 208 11.10 -12.29 13.21
C LYS A 208 10.18 -12.90 14.26
N ALA A 209 9.07 -13.51 13.84
CA ALA A 209 8.18 -14.15 14.80
C ALA A 209 8.81 -15.41 15.37
N ILE A 210 9.58 -16.12 14.56
CA ILE A 210 10.32 -17.27 15.07
C ILE A 210 11.35 -16.82 16.10
N MSE A 211 12.01 -15.69 15.86
CA MSE A 211 13.02 -15.22 16.80
C MSE A 211 12.40 -14.71 18.09
O MSE A 211 13.05 -14.68 19.13
CB MSE A 211 13.87 -14.13 16.15
CG MSE A 211 14.65 -14.59 14.95
SE MSE A 211 15.91 -16.01 15.38
CE MSE A 211 14.88 -17.54 14.74
N SER A 212 11.13 -14.33 18.04
CA SER A 212 10.43 -13.79 19.21
C SER A 212 9.76 -14.86 20.05
N ILE A 213 9.97 -16.14 19.71
CA ILE A 213 9.30 -17.22 20.42
C ILE A 213 9.72 -17.25 21.87
N LYS A 214 11.02 -17.19 22.12
CA LYS A 214 11.59 -17.22 23.47
C LYS A 214 11.29 -18.57 24.14
N ASP A 215 11.54 -19.66 23.38
CA ASP A 215 11.37 -21.08 23.79
C ASP A 215 12.29 -21.91 22.89
N ARG A 216 13.57 -21.97 23.27
CA ARG A 216 14.61 -22.41 22.35
C ARG A 216 14.39 -23.85 21.86
N ASN A 217 13.68 -24.68 22.62
CA ASN A 217 13.42 -26.05 22.18
C ASN A 217 12.36 -26.08 21.09
N PHE A 218 11.20 -25.47 21.36
CA PHE A 218 10.15 -25.34 20.36
C PHE A 218 10.64 -24.57 19.13
N GLN A 219 11.31 -23.44 19.36
CA GLN A 219 11.94 -22.70 18.28
C GLN A 219 12.87 -23.58 17.47
N ARG A 220 13.71 -24.36 18.15
CA ARG A 220 14.61 -25.26 17.44
C ARG A 220 13.83 -26.20 16.53
N GLU A 221 12.75 -26.78 17.06
CA GLU A 221 11.94 -27.72 16.27
C GLU A 221 11.38 -27.04 15.04
N LEU A 222 10.86 -25.82 15.20
CA LEU A 222 10.27 -25.12 14.06
C LEU A 222 11.31 -24.70 13.02
N MSE A 223 12.48 -24.26 13.47
CA MSE A 223 13.57 -23.93 12.56
C MSE A 223 13.98 -25.13 11.76
O MSE A 223 14.28 -25.03 10.57
CB MSE A 223 14.76 -23.38 13.33
CG MSE A 223 14.51 -22.06 13.99
SE MSE A 223 16.03 -21.64 15.12
CE MSE A 223 17.34 -21.42 13.71
N GLU A 224 14.03 -26.29 12.42
CA GLU A 224 14.34 -27.53 11.72
C GLU A 224 13.31 -27.83 10.64
N ARG A 225 12.03 -27.62 10.94
CA ARG A 225 11.00 -27.85 9.93
C ARG A 225 11.05 -26.82 8.80
N SER A 226 11.51 -25.59 9.09
CA SER A 226 11.61 -24.56 8.05
C SER A 226 12.49 -25.02 6.90
N ASN A 227 13.45 -25.91 7.19
CA ASN A 227 14.36 -26.38 6.17
C ASN A 227 13.63 -26.91 4.95
N SER A 228 12.46 -27.51 5.15
CA SER A 228 11.68 -28.06 4.06
C SER A 228 10.41 -27.26 3.73
N VAL A 229 9.84 -26.53 4.68
CA VAL A 229 8.56 -25.85 4.40
C VAL A 229 8.67 -24.33 4.42
N GLY A 230 9.85 -23.75 4.55
CA GLY A 230 9.92 -22.31 4.75
C GLY A 230 9.40 -21.86 6.11
N MSE A 231 9.70 -20.61 6.44
CA MSE A 231 9.39 -20.03 7.73
C MSE A 231 7.90 -20.07 7.97
O MSE A 231 7.41 -20.46 9.04
CB MSE A 231 9.88 -18.58 7.81
CG MSE A 231 11.31 -18.44 7.42
SE MSE A 231 12.44 -19.14 8.81
CE MSE A 231 13.88 -19.82 7.71
N LEU A 232 7.18 -19.64 6.94
CA LEU A 232 5.74 -19.56 7.05
C LEU A 232 5.13 -20.93 7.23
N GLY A 233 5.58 -21.90 6.43
CA GLY A 233 5.08 -23.25 6.57
C GLY A 233 5.25 -23.79 7.98
N ALA A 234 6.45 -23.64 8.54
CA ALA A 234 6.67 -24.07 9.92
C ALA A 234 5.69 -23.38 10.86
N LEU A 235 5.56 -22.06 10.73
CA LEU A 235 4.70 -21.32 11.63
C LEU A 235 3.24 -21.74 11.50
N LEU A 236 2.82 -22.10 10.29
CA LEU A 236 1.46 -22.59 10.08
C LEU A 236 1.28 -23.94 10.75
N GLY A 237 2.23 -24.85 10.55
CA GLY A 237 2.15 -26.15 11.19
C GLY A 237 2.08 -26.07 12.71
N ALA A 238 2.70 -25.03 13.28
CA ALA A 238 2.64 -24.86 14.74
C ALA A 238 1.24 -24.53 15.24
N ARG A 239 0.36 -24.00 14.39
CA ARG A 239 -0.97 -23.54 14.80
C ARG A 239 -2.10 -24.42 14.24
N HIS A 240 -1.81 -25.69 13.98
CA HIS A 240 -2.83 -26.66 13.58
C HIS A 240 -3.49 -26.27 12.25
N LYS A 241 -2.69 -25.82 11.29
CA LYS A 241 -3.15 -25.54 9.94
C LYS A 241 -2.59 -26.55 8.95
N ASP A 242 -3.25 -26.67 7.80
CA ASP A 242 -2.80 -27.52 6.69
C ASP A 242 -2.14 -26.73 5.58
N ALA A 243 -2.69 -25.56 5.23
CA ALA A 243 -2.08 -24.69 4.24
C ALA A 243 -2.49 -23.25 4.51
N GLY A 244 -2.50 -22.86 5.78
CA GLY A 244 -2.93 -21.53 6.16
C GLY A 244 -4.44 -21.37 6.06
N ARG A 245 -5.18 -22.15 6.86
CA ARG A 245 -6.64 -22.15 6.79
C ARG A 245 -7.19 -20.73 6.94
N ALA A 246 -6.84 -20.04 8.02
CA ALA A 246 -7.25 -18.65 8.20
C ALA A 246 -6.38 -17.70 7.39
N LEU A 247 -5.18 -18.13 7.00
CA LEU A 247 -4.26 -17.24 6.28
C LEU A 247 -4.92 -16.66 5.04
N GLU A 248 -5.52 -17.51 4.21
CA GLU A 248 -6.06 -17.03 2.95
C GLU A 248 -7.13 -15.97 3.16
N ARG A 249 -7.85 -16.06 4.28
CA ARG A 249 -8.88 -15.09 4.62
C ARG A 249 -8.30 -13.75 5.07
N LEU A 250 -7.02 -13.72 5.46
CA LEU A 250 -6.58 -12.44 5.99
C LEU A 250 -5.86 -11.61 4.92
N PRO A 251 -6.12 -10.30 4.96
CA PRO A 251 -5.55 -9.41 3.93
C PRO A 251 -4.05 -9.50 3.80
N GLU A 252 -3.32 -9.32 4.90
CA GLU A 252 -1.86 -9.16 4.84
C GLU A 252 -1.17 -10.19 3.96
N ALA A 253 -1.87 -11.27 3.61
CA ALA A 253 -1.31 -12.31 2.76
C ALA A 253 -0.86 -11.76 1.42
N HIS A 254 -1.53 -10.73 0.91
CA HIS A 254 -1.23 -10.17 -0.40
C HIS A 254 -1.35 -8.66 -0.37
N PHE A 255 -0.79 -8.03 -1.41
CA PHE A 255 -0.59 -6.59 -1.52
C PHE A 255 -0.04 -5.98 -0.22
N ALA A 256 1.21 -6.29 0.06
CA ALA A 256 1.89 -5.58 1.13
C ALA A 256 2.16 -4.12 0.73
N VAL A 257 2.64 -3.34 1.70
CA VAL A 257 3.02 -1.95 1.48
C VAL A 257 4.38 -1.87 0.80
N ARG A 258 4.46 -1.09 -0.28
CA ARG A 258 5.74 -0.94 -0.95
C ARG A 258 6.03 0.47 -1.43
N SER A 259 5.10 1.43 -1.28
CA SER A 259 5.27 2.78 -1.81
C SER A 259 4.66 3.81 -0.88
N THR A 260 5.03 5.06 -1.10
CA THR A 260 4.43 6.21 -0.41
C THR A 260 4.54 7.44 -1.29
N VAL A 261 3.59 8.35 -1.09
CA VAL A 261 3.55 9.59 -1.84
C VAL A 261 3.46 10.78 -0.89
N VAL A 262 4.25 11.81 -1.18
CA VAL A 262 4.21 13.06 -0.46
C VAL A 262 3.77 14.13 -1.43
N ARG A 263 2.79 14.92 -1.04
CA ARG A 263 2.25 15.93 -1.91
C ARG A 263 2.03 17.20 -1.10
N MSE A 264 2.20 18.33 -1.78
CA MSE A 264 1.87 19.62 -1.22
C MSE A 264 1.23 20.51 -2.26
O MSE A 264 1.67 20.58 -3.40
CB MSE A 264 3.09 20.33 -0.66
CG MSE A 264 2.72 21.65 -0.01
SE MSE A 264 4.28 22.74 0.27
CE MSE A 264 3.59 23.79 1.75
N THR A 265 0.16 21.18 -1.82
CA THR A 265 -0.52 22.24 -2.55
C THR A 265 -0.36 23.49 -1.74
N GLY A 266 0.36 24.47 -2.28
CA GLY A 266 0.66 25.64 -1.48
C GLY A 266 1.94 26.28 -1.95
N GLY A 267 2.09 27.54 -1.56
CA GLY A 267 3.15 28.41 -2.06
C GLY A 267 4.48 27.71 -2.22
N ALA A 268 4.87 26.95 -1.21
CA ALA A 268 6.16 26.28 -1.25
C ALA A 268 6.27 25.31 -2.41
N GLN A 269 5.22 25.10 -3.19
CA GLN A 269 5.20 24.11 -4.25
C GLN A 269 6.36 24.23 -5.23
N ARG A 270 6.89 25.44 -5.42
CA ARG A 270 7.99 25.65 -6.37
C ARG A 270 9.32 25.95 -5.69
N GLU A 271 9.42 25.76 -4.37
CA GLU A 271 10.62 26.14 -3.63
C GLU A 271 11.84 25.28 -3.98
N PHE A 272 11.62 24.05 -4.48
CA PHE A 272 12.68 23.11 -4.84
C PHE A 272 13.36 22.51 -3.63
N ASP A 273 13.82 23.37 -2.71
CA ASP A 273 14.28 22.87 -1.43
C ASP A 273 13.19 22.06 -0.75
N GLN A 274 11.96 22.59 -0.76
CA GLN A 274 10.80 21.83 -0.34
C GLN A 274 10.74 20.48 -1.04
N TRP A 275 11.23 20.41 -2.27
CA TRP A 275 11.13 19.19 -3.05
C TRP A 275 12.09 18.11 -2.51
N ARG A 276 13.37 18.48 -2.35
CA ARG A 276 14.30 17.60 -1.65
C ARG A 276 13.73 17.16 -0.33
N SER A 277 13.09 18.11 0.38
CA SER A 277 12.52 17.80 1.69
C SER A 277 11.42 16.76 1.59
N MSE A 278 10.58 16.86 0.56
CA MSE A 278 9.54 15.87 0.32
C MSE A 278 10.17 14.52 0.08
O MSE A 278 9.72 13.54 0.64
CB MSE A 278 8.68 16.24 -0.88
CG MSE A 278 7.85 17.48 -0.67
SE MSE A 278 7.16 18.15 -2.35
CE MSE A 278 5.84 16.78 -2.60
N VAL A 279 11.21 14.48 -0.75
CA VAL A 279 11.91 13.23 -1.04
C VAL A 279 12.41 12.57 0.24
N ARG A 280 13.16 13.34 1.03
CA ARG A 280 13.62 12.85 2.33
C ARG A 280 12.45 12.30 3.13
N GLU A 281 11.37 13.08 3.19
CA GLU A 281 10.20 12.69 3.97
C GLU A 281 9.66 11.37 3.45
N GLY A 282 9.62 11.21 2.14
CA GLY A 282 9.04 10.02 1.55
C GLY A 282 9.86 8.79 1.89
N LEU A 283 11.17 8.88 1.70
CA LEU A 283 12.03 7.77 2.08
C LEU A 283 11.82 7.41 3.55
N ASP A 284 11.81 8.41 4.43
CA ASP A 284 11.63 8.16 5.85
C ASP A 284 10.31 7.46 6.13
N GLN A 285 9.22 7.95 5.51
CA GLN A 285 7.91 7.34 5.73
C GLN A 285 7.85 5.93 5.17
N LEU A 286 8.43 5.71 4.01
CA LEU A 286 8.44 4.37 3.45
C LEU A 286 9.09 3.39 4.40
N ASP A 287 10.29 3.72 4.88
CA ASP A 287 11.02 2.82 5.75
C ASP A 287 10.27 2.59 7.05
N GLU A 288 9.78 3.67 7.64
CA GLU A 288 9.08 3.57 8.91
C GLU A 288 7.83 2.72 8.77
N LEU A 289 7.08 2.95 7.70
CA LEU A 289 5.80 2.25 7.53
C LEU A 289 6.01 0.77 7.27
N GLN A 290 6.91 0.41 6.34
CA GLN A 290 7.13 -1.01 6.08
C GLN A 290 7.66 -1.72 7.30
N LYS A 291 8.49 -1.06 8.12
CA LYS A 291 8.90 -1.67 9.37
C LYS A 291 7.72 -1.80 10.32
N THR A 292 6.83 -0.81 10.35
CA THR A 292 5.65 -0.86 11.20
C THR A 292 4.74 -2.03 10.81
N THR A 293 4.53 -2.22 9.51
CA THR A 293 3.69 -3.31 9.05
C THR A 293 4.32 -4.65 9.36
N THR A 294 5.65 -4.76 9.20
CA THR A 294 6.31 -5.98 9.64
C THR A 294 6.09 -6.21 11.13
N ARG A 295 6.13 -5.15 11.93
CA ARG A 295 5.85 -5.29 13.35
C ARG A 295 4.46 -5.88 13.59
N HIS A 296 3.44 -5.25 13.03
CA HIS A 296 2.07 -5.73 13.22
C HIS A 296 1.88 -7.13 12.65
N LEU A 297 2.51 -7.39 11.51
CA LEU A 297 2.43 -8.71 10.89
C LEU A 297 3.01 -9.76 11.81
N THR A 298 4.29 -9.60 12.17
CA THR A 298 4.93 -10.46 13.15
C THR A 298 4.06 -10.67 14.38
N GLU A 299 3.46 -9.59 14.91
CA GLU A 299 2.55 -9.73 16.05
C GLU A 299 1.46 -10.75 15.77
N ILE A 300 0.70 -10.56 14.72
CA ILE A 300 -0.36 -11.54 14.44
C ILE A 300 0.20 -12.91 14.10
N LEU A 301 1.45 -12.98 13.66
CA LEU A 301 2.09 -14.28 13.40
C LEU A 301 2.13 -15.18 14.63
N ARG A 302 2.13 -14.61 15.83
CA ARG A 302 2.25 -15.41 17.04
C ARG A 302 0.91 -15.56 17.77
N HIS A 303 -0.19 -15.53 17.03
CA HIS A 303 -1.49 -15.76 17.62
C HIS A 303 -2.33 -16.75 16.83
#